data_7JV2
#
_entry.id   7JV2
#
loop_
_entity.id
_entity.type
_entity.pdbx_description
1 polymer 'S2H13 Fab heavy chain'
2 polymer 'S2H13 Fab light chain'
3 polymer 'Spike glycoprotein'
#
loop_
_entity_poly.entity_id
_entity_poly.type
_entity_poly.pdbx_seq_one_letter_code
_entity_poly.pdbx_strand_id
1 'polypeptide(L)'
;EVQLVESGGDSVQPGGSLRLSCAAAGFTFSSYWMNWVRQAPGKGLEWVANIKQDGSEKYYVDSVKGRFTISRDNAKNSLY
LQMNSLRAEDTAVYYCALSSGYSGYAGNYWGQGTLVTVSS
;
H
2 'polypeptide(L)'
;QAVVTQEPSLTVSPGGTVTLTCGSSTGAVTSGHYPYWFQQKPGQAPRTLIYDTSNKHSWTPARFSGSLLGGKAALTLSGA
RPEDEAEYYCLLSYSGARGVFGGGTKLTVL
;
L
3 'polypeptide(L)'
;MGILPSPGMPALLSLVSLLSVLLMGCVAETGTQCVNLTTRTQLPPAYTNSFTRGVYYPDKVFRSSVLHSTQDLFLPFFSN
VTWFHAIHVSGTNGTKRFDNPVLPFNDGVYFASTEKSNIIRGWIFGTTLDSKTQSLLIVNNATNVVIKVCEFQFCNDPFL
GVYYHKNNKSWMESEFRVYSSANNCTFEYVSQPFLMDLEGKQGNFKNLREFVFKNIDGYFKIYSKHTPINLVRDLPQGFS
ALEPLVDLPIGINITRFQTLLALHRSYLTPGDSSSGWTAGAAAYYVGYLQPRTFLLKYNENGTITDAVDCALDPLSETKC
TLKSFTVEKGIYQTSNFRVQPTESIVRFPNITNLCPFGEVFNATRFASVYAWNRKRISNCVADYSVLYNSASFSTFKCYG
VSPTKLNDLCFTNVYADSFVIRGDEVRQIAPGQTGKIADYNYKLPDDFTGCVIAWNSNNLDSKVGGNYNYLYRLFRKSNL
KPFERDISTEIYQAGSTPCNGVEGFNCYFPLQSYGFQPTNGVGYQPYRVVVLSFELLHAPATVCGPKKSTNLVKNKCVNF
NFNGLTGTGVLTESNKKFLPFQQFGRDIADTTDAVRDPQTLEILDITPCSFGGVSVITPGTNTSNQVAVLYQDVNCTEVP
VAIHADQLTPTWRVYSTGSNVFQTRAGCLIGAEHVNNSYECDIPIGAGICASYQTQTNSPSGAGSVASQSIIAYTMSLGA
ENSVAYSNNSIAIPTNFTISVTTEILPVSMTKTSVDCTMYICGDSTECSNLLLQYGSFCTQLNRALTGIAVEQDKNTQEV
FAQVKQIYKTPPIKDFGGFNFSQILPDPSKPSKRSFIEDLLFNKVTLADAGFIKQYGDCLGDIAARDLICAQKFNGLTVL
PPLLTDEMIAQYTSALLAGTITSGWTFGAGAALQIPFAMQMAYRFNGIGVTQNVLYENQKLIANQFNSAIGKIQDSLSST
ASALGKLQDVVNQNAQALNTLVKQLSSNFGAISSVLNDILSRLDPPEAEVQIDRLITGRLQSLQTYVTQQLIRAAEIRAS
ANLAATKMSECVLGQSKRVDFCGKGYHLMSFPQSAPHGVVFLHVTYVPAQEKNFTTAPAICHDGKAHFPREGVFVSNGTH
WFVTQRNFYEPQIITTDNTFVSGNCDVVIGIVNNTVYDPLQPELDSFKEELDKYFKNHTSPDVDLGDISGINASVVNIQK
EIDRLNEVAKNLNESLIDLQELGKYEQYIKGSGRENLYFQGGGGSGYIPEAPRDGQAYVRKDGEWVLLSTFLGHHHHHHH
H
;
A
#
# COMPACT_ATOMS: atom_id res chain seq x y z
N GLU A 1 11.45 12.01 -9.14
CA GLU A 1 10.55 10.92 -8.78
C GLU A 1 9.43 11.43 -7.86
N VAL A 2 8.53 10.52 -7.47
CA VAL A 2 7.38 10.80 -6.59
C VAL A 2 7.78 10.60 -5.14
N GLN A 3 7.65 11.63 -4.33
CA GLN A 3 8.03 11.49 -2.94
C GLN A 3 7.05 12.14 -1.99
N LEU A 4 6.97 11.55 -0.80
CA LEU A 4 6.20 12.09 0.29
C LEU A 4 7.12 12.20 1.49
N VAL A 5 7.16 13.36 2.10
CA VAL A 5 8.03 13.54 3.26
C VAL A 5 7.25 13.96 4.47
N GLU A 6 7.11 13.06 5.44
CA GLU A 6 6.37 13.41 6.63
C GLU A 6 7.30 13.73 7.78
N SER A 7 6.81 14.57 8.66
CA SER A 7 7.52 14.97 9.86
C SER A 7 6.53 15.54 10.86
N GLY A 8 7.06 16.12 11.94
CA GLY A 8 6.23 16.68 12.98
C GLY A 8 6.12 15.73 14.15
N GLY A 9 6.57 14.51 13.97
CA GLY A 9 6.53 13.56 15.06
C GLY A 9 7.57 14.00 16.08
N ASP A 10 7.27 13.78 17.35
CA ASP A 10 8.17 14.15 18.42
C ASP A 10 7.80 13.35 19.67
N SER A 11 8.55 13.57 20.74
CA SER A 11 8.24 13.00 22.04
C SER A 11 7.34 13.96 22.78
N VAL A 12 6.09 13.56 23.00
CA VAL A 12 5.10 14.46 23.57
C VAL A 12 4.41 13.89 24.80
N GLN A 13 3.76 14.76 25.55
CA GLN A 13 3.05 14.36 26.76
C GLN A 13 1.64 13.86 26.44
N PRO A 14 1.19 12.72 26.99
CA PRO A 14 -0.13 12.17 26.79
C PRO A 14 -1.17 13.10 27.35
N GLY A 15 -2.29 13.16 26.66
CA GLY A 15 -3.40 14.01 27.04
C GLY A 15 -3.32 15.33 26.28
N GLY A 16 -2.18 15.55 25.63
CA GLY A 16 -1.96 16.76 24.87
C GLY A 16 -2.33 16.53 23.41
N SER A 17 -1.69 17.26 22.52
CA SER A 17 -2.03 17.16 21.12
C SER A 17 -0.79 17.24 20.27
N LEU A 18 -0.91 16.73 19.05
CA LEU A 18 0.19 16.79 18.10
C LEU A 18 -0.27 16.94 16.67
N ARG A 19 0.32 17.88 15.95
CA ARG A 19 0.01 18.07 14.54
C ARG A 19 1.13 17.56 13.67
N LEU A 20 0.82 16.57 12.84
CA LEU A 20 1.76 15.98 11.91
C LEU A 20 1.56 16.60 10.55
N SER A 21 2.60 16.64 9.74
CA SER A 21 2.44 17.19 8.40
C SER A 21 3.24 16.39 7.38
N CYS A 22 2.82 16.48 6.11
CA CYS A 22 3.46 15.79 5.00
C CYS A 22 3.57 16.69 3.78
N ALA A 23 4.78 16.81 3.27
CA ALA A 23 5.04 17.59 2.08
C ALA A 23 5.18 16.67 0.89
N ALA A 24 4.47 16.98 -0.18
CA ALA A 24 4.55 16.15 -1.37
C ALA A 24 5.31 16.84 -2.47
N ALA A 25 6.01 16.06 -3.28
CA ALA A 25 6.72 16.62 -4.41
C ALA A 25 6.86 15.59 -5.53
N GLY A 26 7.09 16.09 -6.75
CA GLY A 26 7.33 15.21 -7.89
C GLY A 26 6.08 14.85 -8.67
N PHE A 27 4.93 15.35 -8.21
CA PHE A 27 3.66 15.07 -8.87
C PHE A 27 2.66 16.16 -8.54
N THR A 28 1.55 16.17 -9.26
CA THR A 28 0.49 17.13 -8.97
C THR A 28 -0.28 16.65 -7.76
N PHE A 29 -0.38 17.48 -6.74
CA PHE A 29 -1.03 17.07 -5.51
C PHE A 29 -2.53 16.91 -5.74
N SER A 30 -3.13 17.92 -6.37
CA SER A 30 -4.57 17.97 -6.56
C SER A 30 -5.03 17.08 -7.69
N SER A 31 -4.79 15.79 -7.53
CA SER A 31 -5.16 14.78 -8.49
C SER A 31 -5.42 13.47 -7.78
N TYR A 32 -5.04 13.41 -6.51
CA TYR A 32 -5.08 12.13 -5.81
C TYR A 32 -5.66 12.21 -4.40
N TRP A 33 -5.83 11.04 -3.80
CA TRP A 33 -6.33 10.91 -2.43
C TRP A 33 -5.17 10.76 -1.46
N MET A 34 -5.32 11.27 -0.25
CA MET A 34 -4.24 11.07 0.71
C MET A 34 -4.68 10.21 1.87
N ASN A 35 -3.82 9.27 2.23
CA ASN A 35 -4.06 8.28 3.25
C ASN A 35 -3.07 8.36 4.41
N TRP A 36 -3.55 8.07 5.62
CA TRP A 36 -2.68 7.94 6.79
C TRP A 36 -2.72 6.55 7.37
N VAL A 37 -1.54 6.05 7.71
CA VAL A 37 -1.31 4.76 8.33
C VAL A 37 -0.43 4.87 9.55
N ARG A 38 -0.70 4.08 10.57
CA ARG A 38 0.17 4.10 11.72
C ARG A 38 0.64 2.69 12.04
N GLN A 39 1.88 2.57 12.48
CA GLN A 39 2.39 1.28 12.87
C GLN A 39 3.05 1.30 14.23
N ALA A 40 2.42 0.69 15.21
CA ALA A 40 3.02 0.62 16.53
C ALA A 40 4.20 -0.32 16.42
N PRO A 41 5.30 -0.07 17.13
CA PRO A 41 6.48 -0.90 17.08
C PRO A 41 6.11 -2.30 17.54
N GLY A 42 6.57 -3.29 16.81
CA GLY A 42 6.31 -4.69 17.13
C GLY A 42 5.00 -5.20 16.54
N LYS A 43 4.24 -4.30 15.92
CA LYS A 43 2.95 -4.65 15.33
C LYS A 43 2.93 -4.38 13.83
N GLY A 44 1.89 -4.87 13.16
CA GLY A 44 1.73 -4.64 11.73
C GLY A 44 1.10 -3.29 11.47
N LEU A 45 0.73 -3.04 10.23
CA LEU A 45 0.17 -1.75 9.88
C LEU A 45 -1.28 -1.67 10.26
N GLU A 46 -1.73 -0.52 10.75
CA GLU A 46 -3.16 -0.33 10.95
C GLU A 46 -3.64 0.71 9.93
N TRP A 47 -4.93 0.98 9.87
CA TRP A 47 -5.41 2.02 8.97
C TRP A 47 -5.86 3.17 9.84
N VAL A 48 -5.62 4.40 9.44
CA VAL A 48 -6.04 5.49 10.30
C VAL A 48 -7.06 6.40 9.67
N ALA A 49 -6.74 6.96 8.52
CA ALA A 49 -7.62 7.99 8.00
C ALA A 49 -7.39 8.27 6.53
N ASN A 50 -8.31 9.01 5.94
CA ASN A 50 -8.21 9.39 4.54
C ASN A 50 -8.79 10.77 4.29
N ILE A 51 -8.70 11.21 3.05
CA ILE A 51 -9.30 12.45 2.58
C ILE A 51 -9.48 12.44 1.07
N LYS A 52 -10.63 12.97 0.66
CA LYS A 52 -11.09 13.08 -0.72
C LYS A 52 -10.22 14.00 -1.54
N GLN A 53 -10.08 13.67 -2.82
CA GLN A 53 -9.24 14.45 -3.73
C GLN A 53 -9.50 15.94 -3.71
N ASP A 54 -10.77 16.37 -3.61
CA ASP A 54 -11.08 17.80 -3.61
C ASP A 54 -11.24 18.37 -2.20
N GLY A 55 -10.97 17.56 -1.18
CA GLY A 55 -11.03 18.00 0.21
C GLY A 55 -12.44 18.09 0.78
N SER A 56 -13.45 17.69 0.01
CA SER A 56 -14.84 17.81 0.44
C SER A 56 -15.28 16.77 1.47
N GLU A 57 -14.50 15.71 1.62
CA GLU A 57 -14.84 14.63 2.53
C GLU A 57 -13.62 14.03 3.20
N LYS A 58 -13.78 13.68 4.46
CA LYS A 58 -12.74 13.06 5.26
C LYS A 58 -13.23 11.70 5.70
N TYR A 59 -12.34 10.83 6.14
CA TYR A 59 -12.80 9.51 6.55
C TYR A 59 -11.89 9.00 7.66
N TYR A 60 -12.42 8.19 8.57
CA TYR A 60 -11.59 7.70 9.68
C TYR A 60 -11.85 6.26 10.11
N VAL A 61 -10.83 5.66 10.70
CA VAL A 61 -11.02 4.40 11.42
C VAL A 61 -11.77 4.75 12.68
N ASP A 62 -12.66 3.89 13.13
CA ASP A 62 -13.49 4.20 14.29
C ASP A 62 -12.68 4.54 15.54
N SER A 63 -11.53 3.93 15.68
CA SER A 63 -10.68 4.11 16.85
C SER A 63 -10.15 5.53 17.04
N VAL A 64 -10.25 6.38 16.02
CA VAL A 64 -9.78 7.76 16.14
C VAL A 64 -10.93 8.73 15.95
N LYS A 65 -12.15 8.20 15.94
CA LYS A 65 -13.29 9.05 15.69
C LYS A 65 -13.39 10.11 16.76
N GLY A 66 -13.58 11.35 16.33
CA GLY A 66 -13.76 12.45 17.27
C GLY A 66 -12.45 12.93 17.85
N ARG A 67 -11.35 12.31 17.46
CA ARG A 67 -10.08 12.69 18.03
C ARG A 67 -9.13 13.24 16.97
N PHE A 68 -9.19 12.66 15.77
CA PHE A 68 -8.30 13.08 14.69
C PHE A 68 -9.00 14.02 13.70
N THR A 69 -8.25 14.98 13.17
CA THR A 69 -8.72 15.89 12.13
C THR A 69 -7.77 15.95 10.93
N ILE A 70 -8.31 15.83 9.72
CA ILE A 70 -7.50 15.94 8.50
C ILE A 70 -7.98 17.02 7.57
N SER A 71 -7.04 17.79 7.09
CA SER A 71 -7.29 18.84 6.13
C SER A 71 -6.04 18.98 5.29
N ARG A 72 -6.14 19.69 4.17
CA ARG A 72 -4.94 19.91 3.38
C ARG A 72 -4.93 21.29 2.79
N ASP A 73 -3.76 21.71 2.36
CA ASP A 73 -3.62 22.96 1.65
C ASP A 73 -3.01 22.67 0.29
N ASN A 74 -3.82 22.71 -0.75
CA ASN A 74 -3.36 22.31 -2.07
C ASN A 74 -2.50 23.38 -2.70
N ALA A 75 -2.37 24.53 -2.04
CA ALA A 75 -1.53 25.59 -2.53
C ALA A 75 -0.11 25.41 -2.04
N LYS A 76 0.06 24.50 -1.08
CA LYS A 76 1.36 24.27 -0.47
C LYS A 76 1.81 22.84 -0.73
N ASN A 77 0.98 22.11 -1.47
CA ASN A 77 1.21 20.71 -1.77
C ASN A 77 1.48 19.90 -0.51
N SER A 78 0.69 20.13 0.52
CA SER A 78 0.90 19.40 1.76
C SER A 78 -0.41 19.14 2.50
N LEU A 79 -0.39 18.13 3.36
CA LEU A 79 -1.56 17.80 4.17
C LEU A 79 -1.22 17.68 5.63
N TYR A 80 -2.23 17.82 6.47
CA TYR A 80 -2.00 17.79 7.90
C TYR A 80 -2.91 16.79 8.62
N LEU A 81 -2.37 16.19 9.66
CA LEU A 81 -3.13 15.34 10.57
C LEU A 81 -2.92 15.77 12.00
N GLN A 82 -3.97 16.25 12.64
CA GLN A 82 -3.81 16.69 14.01
C GLN A 82 -4.66 15.89 14.94
N MET A 83 -4.05 15.48 16.04
CA MET A 83 -4.74 14.64 16.99
C MET A 83 -4.73 15.17 18.42
N ASN A 84 -5.93 15.20 19.00
CA ASN A 84 -6.16 15.70 20.35
C ASN A 84 -6.25 14.56 21.34
N SER A 85 -6.08 14.86 22.63
CA SER A 85 -6.18 13.84 23.68
C SER A 85 -5.35 12.64 23.28
N LEU A 86 -4.13 12.92 22.83
CA LEU A 86 -3.25 11.89 22.34
C LEU A 86 -2.91 10.90 23.43
N ARG A 87 -3.15 9.64 23.13
CA ARG A 87 -2.97 8.57 24.09
C ARG A 87 -1.55 8.02 24.11
N ALA A 88 -1.13 7.54 25.28
CA ALA A 88 0.16 6.86 25.44
C ALA A 88 0.16 5.57 24.66
N GLU A 89 -1.02 4.95 24.58
CA GLU A 89 -1.24 3.72 23.84
C GLU A 89 -0.95 3.91 22.37
N ASP A 90 -1.19 5.12 21.87
CA ASP A 90 -0.99 5.41 20.45
C ASP A 90 0.43 5.83 20.15
N THR A 91 1.36 4.90 20.35
CA THR A 91 2.75 5.11 19.99
C THR A 91 2.98 4.38 18.70
N ALA A 92 3.34 5.13 17.68
CA ALA A 92 3.44 4.53 16.37
C ALA A 92 4.20 5.38 15.39
N VAL A 93 4.67 4.75 14.34
CA VAL A 93 5.21 5.50 13.24
C VAL A 93 4.08 5.82 12.30
N TYR A 94 3.92 7.08 11.99
CA TYR A 94 2.88 7.51 11.10
C TYR A 94 3.42 7.69 9.69
N TYR A 95 2.68 7.18 8.74
CA TYR A 95 3.10 7.27 7.36
C TYR A 95 2.11 8.07 6.55
N CYS A 96 2.65 8.88 5.64
CA CYS A 96 1.95 9.63 4.62
C CYS A 96 1.91 8.76 3.38
N ALA A 97 0.74 8.54 2.82
CA ALA A 97 0.68 7.72 1.62
C ALA A 97 -0.23 8.34 0.57
N LEU A 98 0.17 8.17 -0.68
CA LEU A 98 -0.53 8.68 -1.84
C LEU A 98 -1.33 7.60 -2.51
N SER A 99 -2.63 7.81 -2.63
CA SER A 99 -3.50 6.81 -3.21
C SER A 99 -3.98 7.20 -4.61
N SER A 100 -3.51 6.42 -5.59
CA SER A 100 -3.79 6.63 -7.00
C SER A 100 -4.60 5.48 -7.55
N GLY A 101 -5.09 4.63 -6.65
CA GLY A 101 -5.83 3.44 -7.06
C GLY A 101 -7.25 3.79 -7.43
N TYR A 102 -8.03 2.79 -7.77
CA TYR A 102 -9.39 3.00 -8.27
C TYR A 102 -10.33 3.60 -7.23
N SER A 103 -10.38 3.04 -6.03
CA SER A 103 -11.32 3.54 -5.04
C SER A 103 -10.72 4.62 -4.16
N GLY A 104 -9.39 4.70 -4.12
CA GLY A 104 -8.69 5.73 -3.37
C GLY A 104 -8.61 5.49 -1.85
N TYR A 105 -8.75 4.25 -1.40
CA TYR A 105 -8.75 4.01 0.04
C TYR A 105 -7.37 3.67 0.60
N ALA A 106 -6.46 3.23 -0.27
CA ALA A 106 -5.14 2.77 0.16
C ALA A 106 -4.03 3.34 -0.71
N GLY A 107 -2.89 3.61 -0.09
CA GLY A 107 -1.78 4.22 -0.79
C GLY A 107 -0.89 3.28 -1.58
N ASN A 108 -0.33 3.83 -2.66
CA ASN A 108 0.63 3.17 -3.53
C ASN A 108 2.03 3.70 -3.28
N TYR A 109 2.15 5.00 -3.07
CA TYR A 109 3.44 5.61 -2.78
C TYR A 109 3.47 5.97 -1.31
N TRP A 110 4.54 5.61 -0.63
CA TRP A 110 4.63 5.84 0.81
C TRP A 110 5.83 6.70 1.19
N GLY A 111 5.68 7.49 2.24
CA GLY A 111 6.79 8.25 2.78
C GLY A 111 7.64 7.37 3.68
N GLN A 112 8.72 7.93 4.22
CA GLN A 112 9.61 7.15 5.08
C GLN A 112 9.00 6.87 6.44
N GLY A 113 8.20 7.81 6.93
CA GLY A 113 7.50 7.67 8.21
C GLY A 113 8.07 8.57 9.31
N THR A 114 7.17 9.07 10.15
CA THR A 114 7.57 9.94 11.26
C THR A 114 7.17 9.29 12.57
N LEU A 115 8.09 9.23 13.51
CA LEU A 115 7.80 8.56 14.77
C LEU A 115 7.09 9.44 15.78
N VAL A 116 5.97 8.95 16.29
CA VAL A 116 5.23 9.63 17.33
C VAL A 116 5.33 8.85 18.62
N THR A 117 5.98 9.45 19.60
CA THR A 117 6.20 8.80 20.89
C THR A 117 5.46 9.58 21.93
N VAL A 118 4.67 8.90 22.73
CA VAL A 118 3.90 9.60 23.73
C VAL A 118 4.31 9.15 25.12
N SER A 119 4.81 10.09 25.94
CA SER A 119 5.31 9.86 27.30
C SER A 119 5.39 11.18 28.04
N GLN B 1 -16.10 -6.46 13.29
CA GLN B 1 -16.12 -5.97 11.91
C GLN B 1 -14.72 -6.03 11.27
N ALA B 2 -13.75 -5.33 11.87
CA ALA B 2 -12.41 -5.17 11.32
C ALA B 2 -11.54 -6.37 11.60
N VAL B 3 -11.96 -7.50 11.08
CA VAL B 3 -11.23 -8.73 11.28
C VAL B 3 -10.82 -9.33 9.96
N VAL B 4 -9.52 -9.34 9.75
CA VAL B 4 -8.93 -9.89 8.54
C VAL B 4 -7.91 -10.92 8.95
N THR B 5 -8.05 -12.13 8.42
CA THR B 5 -7.20 -13.21 8.86
C THR B 5 -6.20 -13.65 7.82
N GLN B 6 -5.02 -14.01 8.31
CA GLN B 6 -3.90 -14.50 7.53
C GLN B 6 -3.20 -15.63 8.27
N GLU B 7 -2.51 -16.51 7.55
CA GLU B 7 -1.66 -17.50 8.19
C GLU B 7 -0.50 -16.74 8.85
N PRO B 8 -0.27 -16.85 10.17
CA PRO B 8 0.74 -16.13 10.92
C PRO B 8 2.15 -16.17 10.32
N SER B 9 2.55 -17.31 9.74
CA SER B 9 3.88 -17.39 9.15
C SER B 9 4.02 -18.53 8.15
N LEU B 10 4.87 -18.31 7.15
CA LEU B 10 5.22 -19.33 6.16
C LEU B 10 6.73 -19.48 6.00
N THR B 11 7.17 -20.71 5.77
CA THR B 11 8.59 -20.97 5.50
C THR B 11 8.77 -21.73 4.20
N VAL B 12 9.46 -21.14 3.23
CA VAL B 12 9.63 -21.77 1.93
C VAL B 12 11.08 -21.78 1.41
N SER B 13 11.51 -22.93 0.92
CA SER B 13 12.85 -23.10 0.35
C SER B 13 13.04 -22.24 -0.92
N PRO B 14 14.24 -21.71 -1.17
CA PRO B 14 14.54 -20.88 -2.32
C PRO B 14 14.13 -21.59 -3.59
N GLY B 15 13.47 -20.86 -4.47
CA GLY B 15 13.02 -21.37 -5.75
C GLY B 15 11.62 -21.97 -5.68
N GLY B 16 11.13 -22.23 -4.46
CA GLY B 16 9.81 -22.82 -4.30
C GLY B 16 8.74 -21.76 -4.37
N THR B 17 7.49 -22.18 -4.47
CA THR B 17 6.43 -21.20 -4.50
C THR B 17 5.92 -20.93 -3.11
N VAL B 18 5.28 -19.79 -2.95
CA VAL B 18 4.70 -19.40 -1.67
C VAL B 18 3.28 -18.94 -1.88
N THR B 19 2.35 -19.39 -1.07
CA THR B 19 1.02 -18.81 -1.18
C THR B 19 0.61 -18.17 0.12
N LEU B 20 0.45 -16.85 0.09
CA LEU B 20 0.02 -16.09 1.26
C LEU B 20 -1.45 -15.83 1.06
N THR B 21 -2.25 -15.88 2.12
CA THR B 21 -3.68 -15.68 1.95
C THR B 21 -4.23 -14.56 2.83
N CYS B 22 -5.42 -14.00 2.44
CA CYS B 22 -6.07 -12.91 3.17
C CYS B 22 -7.60 -12.93 2.99
N GLY B 23 -8.33 -12.97 4.10
CA GLY B 23 -9.79 -12.93 3.99
C GLY B 23 -10.47 -12.16 5.12
N SER B 24 -11.64 -11.60 4.80
CA SER B 24 -12.46 -10.86 5.75
C SER B 24 -13.37 -11.78 6.55
N SER B 25 -13.94 -11.25 7.63
CA SER B 25 -14.85 -12.02 8.47
C SER B 25 -16.25 -12.16 7.89
N THR B 26 -16.57 -11.34 6.88
CA THR B 26 -17.91 -11.34 6.30
C THR B 26 -17.87 -11.48 4.78
N GLY B 27 -18.89 -12.14 4.24
CA GLY B 27 -19.03 -12.27 2.80
C GLY B 27 -17.87 -13.02 2.17
N ALA B 28 -17.30 -12.42 1.14
CA ALA B 28 -16.17 -13.00 0.41
C ALA B 28 -15.39 -11.89 -0.24
N VAL B 29 -14.14 -12.17 -0.56
CA VAL B 29 -13.33 -11.18 -1.24
C VAL B 29 -13.64 -11.14 -2.72
N THR B 30 -13.96 -9.96 -3.20
CA THR B 30 -14.27 -9.71 -4.60
C THR B 30 -13.46 -8.52 -5.03
N SER B 31 -13.55 -8.15 -6.30
CA SER B 31 -12.85 -6.97 -6.77
C SER B 31 -13.39 -5.70 -6.10
N GLY B 32 -14.58 -5.80 -5.53
CA GLY B 32 -15.25 -4.69 -4.86
C GLY B 32 -14.56 -4.27 -3.57
N HIS B 33 -13.62 -5.08 -3.08
CA HIS B 33 -12.87 -4.75 -1.88
C HIS B 33 -11.50 -4.22 -2.26
N TYR B 34 -11.28 -4.08 -3.56
CA TYR B 34 -10.06 -3.59 -4.16
C TYR B 34 -8.80 -3.94 -3.36
N PRO B 35 -8.52 -5.22 -3.07
CA PRO B 35 -7.48 -5.64 -2.16
C PRO B 35 -6.09 -5.13 -2.53
N TYR B 36 -5.31 -4.82 -1.51
CA TYR B 36 -3.91 -4.40 -1.65
C TYR B 36 -2.99 -5.35 -0.91
N TRP B 37 -1.77 -5.48 -1.39
CA TRP B 37 -0.74 -6.21 -0.66
C TRP B 37 0.52 -5.38 -0.50
N PHE B 38 1.09 -5.44 0.69
CA PHE B 38 2.29 -4.68 1.03
C PHE B 38 3.38 -5.59 1.55
N GLN B 39 4.63 -5.19 1.33
CA GLN B 39 5.78 -5.90 1.84
C GLN B 39 6.66 -5.00 2.68
N GLN B 40 6.88 -5.36 3.93
CA GLN B 40 7.71 -4.52 4.77
C GLN B 40 8.94 -5.22 5.31
N LYS B 41 10.09 -4.67 4.98
CA LYS B 41 11.34 -5.20 5.50
C LYS B 41 11.62 -4.44 6.78
N PRO B 42 12.24 -5.06 7.79
CA PRO B 42 12.58 -4.44 9.05
C PRO B 42 13.36 -3.16 8.83
N GLY B 43 12.94 -2.11 9.53
CA GLY B 43 13.61 -0.81 9.46
C GLY B 43 13.18 0.06 8.28
N GLN B 44 12.24 -0.43 7.46
CA GLN B 44 11.83 0.33 6.28
C GLN B 44 10.33 0.59 6.21
N ALA B 45 9.97 1.66 5.51
CA ALA B 45 8.57 1.93 5.19
C ALA B 45 8.08 0.79 4.31
N PRO B 46 6.82 0.39 4.38
CA PRO B 46 6.23 -0.67 3.60
C PRO B 46 6.16 -0.30 2.13
N ARG B 47 6.35 -1.28 1.27
CA ARG B 47 6.27 -1.11 -0.17
C ARG B 47 5.01 -1.77 -0.72
N THR B 48 4.31 -1.08 -1.58
CA THR B 48 3.08 -1.66 -2.15
C THR B 48 3.44 -2.56 -3.31
N LEU B 49 2.90 -3.76 -3.33
CA LEU B 49 3.17 -4.66 -4.44
C LEU B 49 1.97 -4.81 -5.36
N ILE B 50 0.82 -5.02 -4.76
CA ILE B 50 -0.39 -5.27 -5.54
C ILE B 50 -1.46 -4.28 -5.20
N TYR B 51 -2.15 -3.77 -6.20
CA TYR B 51 -3.26 -2.87 -5.94
C TYR B 51 -4.48 -3.25 -6.73
N ASP B 52 -5.65 -2.88 -6.22
CA ASP B 52 -6.90 -3.15 -6.92
C ASP B 52 -6.97 -4.60 -7.38
N THR B 53 -6.75 -5.51 -6.45
CA THR B 53 -6.82 -6.97 -6.61
C THR B 53 -5.58 -7.58 -7.22
N SER B 54 -5.26 -7.22 -8.46
CA SER B 54 -4.17 -7.91 -9.15
C SER B 54 -3.19 -7.04 -9.93
N ASN B 55 -3.32 -5.73 -9.88
CA ASN B 55 -2.42 -4.89 -10.67
C ASN B 55 -1.06 -4.80 -9.99
N LYS B 56 0.01 -4.85 -10.78
CA LYS B 56 1.33 -4.82 -10.21
C LYS B 56 2.00 -3.48 -10.45
N HIS B 57 2.73 -3.00 -9.47
CA HIS B 57 3.50 -1.77 -9.64
C HIS B 57 4.81 -2.01 -10.39
N SER B 58 5.36 -0.95 -10.97
CA SER B 58 6.61 -1.07 -11.73
C SER B 58 7.80 -1.48 -10.87
N TRP B 59 7.70 -1.31 -9.56
CA TRP B 59 8.76 -1.69 -8.65
C TRP B 59 8.50 -3.07 -8.04
N THR B 60 7.43 -3.71 -8.48
CA THR B 60 7.05 -5.01 -7.97
C THR B 60 7.67 -6.09 -8.81
N PRO B 61 8.47 -7.00 -8.25
CA PRO B 61 9.06 -8.10 -8.96
C PRO B 61 7.95 -8.90 -9.60
N ALA B 62 8.19 -9.36 -10.81
CA ALA B 62 7.20 -10.11 -11.60
C ALA B 62 6.88 -11.44 -10.97
N ARG B 63 7.69 -11.83 -10.02
CA ARG B 63 7.56 -13.05 -9.28
C ARG B 63 6.30 -13.08 -8.42
N PHE B 64 5.78 -11.89 -8.09
CA PHE B 64 4.59 -11.77 -7.24
C PHE B 64 3.32 -11.67 -8.09
N SER B 65 2.23 -12.26 -7.61
CA SER B 65 0.95 -12.10 -8.29
C SER B 65 -0.23 -12.04 -7.31
N GLY B 66 -1.22 -11.23 -7.65
CA GLY B 66 -2.42 -11.04 -6.84
C GLY B 66 -3.61 -11.88 -7.28
N SER B 67 -3.48 -13.20 -7.20
CA SER B 67 -4.59 -14.08 -7.58
C SER B 67 -5.62 -14.15 -6.46
N LEU B 68 -6.81 -14.66 -6.79
CA LEU B 68 -7.83 -14.93 -5.78
C LEU B 68 -8.03 -16.44 -5.67
N LEU B 69 -8.33 -16.88 -4.46
CA LEU B 69 -8.61 -18.29 -4.20
C LEU B 69 -10.08 -18.49 -3.85
N GLY B 70 -10.37 -19.38 -2.90
CA GLY B 70 -11.74 -19.73 -2.56
C GLY B 70 -12.45 -18.67 -1.70
N GLY B 71 -12.65 -17.49 -2.28
CA GLY B 71 -13.33 -16.39 -1.60
C GLY B 71 -12.37 -15.51 -0.79
N LYS B 72 -11.08 -15.78 -0.92
CA LYS B 72 -10.08 -15.01 -0.22
C LYS B 72 -8.97 -14.58 -1.15
N ALA B 73 -8.30 -13.48 -0.83
CA ALA B 73 -7.21 -12.96 -1.64
C ALA B 73 -5.94 -13.73 -1.36
N ALA B 74 -5.03 -13.73 -2.31
CA ALA B 74 -3.75 -14.35 -2.06
C ALA B 74 -2.65 -13.61 -2.79
N LEU B 75 -1.45 -13.75 -2.28
CA LEU B 75 -0.27 -13.23 -2.94
C LEU B 75 0.66 -14.40 -3.18
N THR B 76 0.91 -14.69 -4.43
CA THR B 76 1.69 -15.87 -4.75
C THR B 76 3.04 -15.51 -5.29
N LEU B 77 4.06 -16.20 -4.79
CA LEU B 77 5.42 -16.03 -5.25
C LEU B 77 5.76 -17.23 -6.12
N SER B 78 6.26 -16.96 -7.31
CA SER B 78 6.57 -18.02 -8.26
C SER B 78 7.92 -18.69 -8.02
N GLY B 79 8.72 -18.10 -7.15
CA GLY B 79 10.04 -18.63 -6.83
C GLY B 79 10.68 -17.76 -5.76
N ALA B 80 10.66 -18.26 -4.53
CA ALA B 80 11.15 -17.53 -3.37
C ALA B 80 12.64 -17.26 -3.47
N ARG B 81 13.03 -16.08 -3.05
CA ARG B 81 14.42 -15.69 -2.99
C ARG B 81 14.69 -15.06 -1.62
N PRO B 82 15.92 -15.08 -1.10
CA PRO B 82 16.33 -14.50 0.17
C PRO B 82 15.87 -13.05 0.33
N GLU B 83 15.78 -12.31 -0.76
CA GLU B 83 15.37 -10.93 -0.75
C GLU B 83 13.89 -10.76 -0.40
N ASP B 84 13.14 -11.85 -0.38
CA ASP B 84 11.73 -11.83 -0.10
C ASP B 84 11.39 -11.97 1.38
N GLU B 85 12.40 -12.13 2.23
CA GLU B 85 12.04 -12.27 3.63
C GLU B 85 11.54 -10.93 4.16
N ALA B 86 10.29 -10.92 4.58
CA ALA B 86 9.60 -9.70 4.99
C ALA B 86 8.27 -10.03 5.64
N GLU B 87 7.67 -9.06 6.31
CA GLU B 87 6.30 -9.28 6.75
C GLU B 87 5.37 -8.72 5.69
N TYR B 88 4.41 -9.53 5.29
CA TYR B 88 3.47 -9.10 4.27
C TYR B 88 2.14 -8.76 4.91
N TYR B 89 1.53 -7.69 4.42
CA TYR B 89 0.25 -7.29 4.94
C TYR B 89 -0.72 -7.17 3.82
N CYS B 90 -1.98 -7.53 4.07
CA CYS B 90 -3.07 -7.36 3.13
C CYS B 90 -3.99 -6.29 3.65
N LEU B 91 -4.64 -5.62 2.74
CA LEU B 91 -5.58 -4.56 3.10
C LEU B 91 -6.85 -4.67 2.29
N LEU B 92 -7.99 -4.72 2.99
CA LEU B 92 -9.26 -4.86 2.30
C LEU B 92 -10.16 -3.64 2.53
N SER B 93 -10.90 -3.25 1.50
CA SER B 93 -11.89 -2.17 1.63
C SER B 93 -13.26 -2.77 1.92
N TYR B 94 -14.12 -1.99 2.55
CA TYR B 94 -15.47 -2.48 2.84
C TYR B 94 -16.57 -1.59 2.26
N SER B 95 -17.49 -1.13 3.11
CA SER B 95 -18.63 -0.35 2.65
C SER B 95 -18.26 1.10 2.39
N GLY B 96 -17.04 1.46 2.76
CA GLY B 96 -16.53 2.81 2.58
C GLY B 96 -15.02 2.80 2.69
N ALA B 97 -14.42 3.99 2.68
CA ALA B 97 -12.97 4.10 2.74
C ALA B 97 -12.46 3.93 4.15
N ARG B 98 -12.62 2.75 4.69
CA ARG B 98 -12.16 2.38 6.03
C ARG B 98 -11.43 1.08 5.93
N GLY B 99 -10.26 1.11 5.34
CA GLY B 99 -9.56 -0.13 5.06
C GLY B 99 -9.16 -0.83 6.33
N VAL B 100 -9.11 -2.14 6.27
CA VAL B 100 -8.69 -2.95 7.40
C VAL B 100 -7.49 -3.80 7.03
N PHE B 101 -6.42 -3.66 7.78
CA PHE B 101 -5.24 -4.46 7.53
C PHE B 101 -5.32 -5.78 8.23
N GLY B 102 -4.73 -6.79 7.60
CA GLY B 102 -4.62 -8.10 8.22
C GLY B 102 -3.55 -8.08 9.29
N GLY B 103 -3.51 -9.12 10.11
CA GLY B 103 -2.52 -9.19 11.18
C GLY B 103 -1.11 -9.16 10.65
N GLY B 104 -0.91 -9.72 9.47
CA GLY B 104 0.39 -9.79 8.86
C GLY B 104 0.86 -11.22 8.85
N THR B 105 1.49 -11.61 7.75
CA THR B 105 2.00 -12.96 7.60
C THR B 105 3.50 -12.89 7.39
N LYS B 106 4.26 -13.48 8.31
CA LYS B 106 5.70 -13.38 8.18
C LYS B 106 6.21 -14.44 7.24
N LEU B 107 6.90 -14.01 6.19
CA LEU B 107 7.41 -14.96 5.22
C LEU B 107 8.92 -15.04 5.27
N THR B 108 9.43 -16.23 5.48
CA THR B 108 10.87 -16.42 5.54
C THR B 108 11.31 -17.41 4.48
N VAL B 109 12.60 -17.42 4.19
CA VAL B 109 13.14 -18.30 3.18
C VAL B 109 14.11 -19.30 3.81
N LEU B 110 13.88 -20.59 3.57
CA LEU B 110 14.68 -21.69 4.13
C LEU B 110 15.93 -21.92 3.29
N SER C 462 14.32 -20.37 -19.60
CA SER C 462 13.48 -20.68 -18.47
C SER C 462 14.32 -21.29 -17.35
N LYS C 463 13.81 -21.25 -16.10
CA LYS C 463 14.46 -21.81 -14.92
C LYS C 463 13.44 -22.26 -13.90
N VAL C 464 13.88 -22.99 -12.89
CA VAL C 464 12.95 -23.58 -11.92
C VAL C 464 12.07 -22.57 -11.21
N GLY C 465 12.64 -21.45 -10.78
CA GLY C 465 11.85 -20.45 -10.05
C GLY C 465 11.16 -19.45 -10.98
N GLY C 466 11.29 -19.63 -12.28
CA GLY C 466 10.68 -18.73 -13.25
C GLY C 466 11.66 -17.68 -13.76
N ASN C 467 11.75 -17.57 -15.07
CA ASN C 467 12.61 -16.59 -15.70
C ASN C 467 11.80 -15.38 -16.09
N TYR C 468 12.00 -14.28 -15.37
CA TYR C 468 11.27 -13.05 -15.53
C TYR C 468 12.15 -11.93 -16.06
N ASN C 469 13.23 -12.29 -16.74
CA ASN C 469 14.18 -11.30 -17.23
C ASN C 469 13.82 -10.76 -18.60
N TYR C 470 12.73 -11.25 -19.17
CA TYR C 470 12.34 -10.83 -20.50
C TYR C 470 11.09 -10.00 -20.48
N LEU C 471 11.18 -8.80 -21.00
CA LEU C 471 10.06 -7.87 -21.00
C LEU C 471 9.49 -7.66 -22.39
N TYR C 472 8.21 -7.33 -22.46
CA TYR C 472 7.61 -6.92 -23.71
C TYR C 472 6.75 -5.71 -23.45
N ARG C 473 6.47 -4.93 -24.49
CA ARG C 473 5.63 -3.77 -24.29
C ARG C 473 4.17 -4.15 -24.38
N LEU C 474 3.41 -3.77 -23.39
CA LEU C 474 2.00 -4.09 -23.31
C LEU C 474 1.14 -2.91 -23.73
N PHE C 475 1.55 -1.71 -23.37
CA PHE C 475 0.78 -0.52 -23.71
C PHE C 475 1.60 0.48 -24.49
N ARG C 476 0.97 1.12 -25.46
CA ARG C 476 1.61 2.19 -26.22
C ARG C 476 0.52 3.10 -26.78
N LYS C 477 0.87 4.34 -27.08
CA LYS C 477 -0.07 5.28 -27.67
C LYS C 477 -0.52 4.90 -29.07
N SER C 478 0.38 4.32 -29.85
CA SER C 478 0.12 3.96 -31.25
C SER C 478 1.01 2.82 -31.74
N ASN C 479 0.70 2.30 -32.91
CA ASN C 479 1.50 1.23 -33.51
C ASN C 479 2.85 1.71 -34.02
N LEU C 480 3.87 0.83 -33.95
CA LEU C 480 5.22 1.09 -34.44
C LEU C 480 5.24 1.23 -35.96
N ILE C 487 11.75 2.25 -26.79
CA ILE C 487 12.33 1.71 -25.55
C ILE C 487 12.11 2.61 -24.31
N SER C 488 11.17 3.56 -24.39
CA SER C 488 10.82 4.45 -23.29
C SER C 488 9.96 3.75 -22.24
N THR C 489 9.96 4.30 -21.02
CA THR C 489 9.19 3.77 -19.91
C THR C 489 8.14 4.75 -19.41
N GLU C 490 7.80 5.73 -20.23
CA GLU C 490 6.81 6.72 -19.87
C GLU C 490 5.51 6.05 -19.49
N ILE C 491 4.92 6.46 -18.38
CA ILE C 491 3.69 5.85 -17.91
C ILE C 491 2.58 6.05 -18.94
N TYR C 492 1.88 4.97 -19.24
CA TYR C 492 0.82 5.00 -20.23
C TYR C 492 -0.46 5.53 -19.65
N GLN C 493 -1.01 6.53 -20.32
CA GLN C 493 -2.24 7.14 -19.88
C GLN C 493 -3.41 6.46 -20.56
N ALA C 494 -4.15 5.67 -19.78
CA ALA C 494 -5.26 4.93 -20.34
C ALA C 494 -6.51 5.78 -20.33
N GLY C 495 -6.58 6.68 -19.35
CA GLY C 495 -7.75 7.53 -19.19
C GLY C 495 -7.53 8.93 -19.76
N SER C 496 -8.29 9.90 -19.26
CA SER C 496 -8.20 11.27 -19.73
C SER C 496 -7.44 12.14 -18.74
N THR C 497 -7.03 11.52 -17.64
CA THR C 497 -6.32 12.20 -16.58
C THR C 497 -4.81 12.05 -16.75
N PRO C 498 -4.03 13.13 -16.83
CA PRO C 498 -2.60 13.12 -17.00
C PRO C 498 -1.95 12.29 -15.90
N CYS C 499 -0.94 11.51 -16.28
CA CYS C 499 -0.18 10.66 -15.36
C CYS C 499 1.16 11.33 -15.07
N ASN C 500 1.15 12.34 -14.23
CA ASN C 500 2.34 13.14 -14.01
C ASN C 500 3.28 12.56 -13.00
N GLY C 501 3.86 11.41 -13.35
CA GLY C 501 4.87 10.76 -12.54
C GLY C 501 4.36 9.66 -11.62
N VAL C 502 3.05 9.60 -11.37
CA VAL C 502 2.60 8.54 -10.46
C VAL C 502 1.80 7.52 -11.23
N GLU C 503 2.15 6.26 -11.03
CA GLU C 503 1.42 5.16 -11.63
C GLU C 503 0.22 4.84 -10.75
N GLY C 504 -0.77 4.18 -11.33
CA GLY C 504 -1.98 3.85 -10.60
C GLY C 504 -3.12 3.48 -11.54
N PHE C 505 -4.34 3.79 -11.14
CA PHE C 505 -5.50 3.45 -11.94
C PHE C 505 -5.49 4.29 -13.19
N ASN C 506 -5.61 3.63 -14.33
CA ASN C 506 -5.53 4.25 -15.65
C ASN C 506 -4.19 4.96 -15.96
N CYS C 507 -3.12 4.58 -15.23
CA CYS C 507 -1.74 5.05 -15.40
C CYS C 507 -0.81 3.84 -15.26
N TYR C 508 -0.53 3.19 -16.37
CA TYR C 508 0.15 1.90 -16.29
C TYR C 508 1.60 1.94 -16.70
N PHE C 509 2.41 1.12 -16.07
CA PHE C 509 3.78 0.99 -16.54
C PHE C 509 3.65 0.21 -17.85
N PRO C 510 4.22 0.70 -18.96
CA PRO C 510 4.04 0.16 -20.29
C PRO C 510 4.61 -1.23 -20.52
N LEU C 511 5.52 -1.67 -19.67
CA LEU C 511 6.15 -2.97 -19.89
C LEU C 511 5.57 -4.05 -19.02
N GLN C 512 5.57 -5.27 -19.55
CA GLN C 512 5.08 -6.45 -18.85
C GLN C 512 6.07 -7.60 -18.95
N SER C 513 6.40 -8.20 -17.82
CA SER C 513 7.31 -9.33 -17.80
C SER C 513 6.67 -10.61 -18.27
N TYR C 514 7.45 -11.45 -18.93
CA TYR C 514 7.04 -12.80 -19.27
C TYR C 514 7.29 -13.72 -18.10
N GLY C 515 6.48 -14.75 -17.95
CA GLY C 515 6.74 -15.76 -16.93
C GLY C 515 7.11 -17.09 -17.58
N PHE C 516 8.39 -17.28 -17.87
CA PHE C 516 8.82 -18.51 -18.52
C PHE C 516 9.20 -19.56 -17.49
N GLN C 517 8.55 -20.70 -17.56
CA GLN C 517 8.77 -21.76 -16.60
C GLN C 517 8.91 -23.10 -17.33
N PRO C 518 9.68 -24.06 -16.79
CA PRO C 518 9.90 -25.39 -17.31
C PRO C 518 8.63 -26.22 -17.32
N THR C 519 7.62 -25.73 -16.62
CA THR C 519 6.35 -26.43 -16.55
C THR C 519 5.27 -25.93 -17.53
N ASN C 520 5.56 -24.88 -18.35
CA ASN C 520 4.57 -24.32 -19.27
C ASN C 520 4.35 -25.28 -20.44
#